data_7C60
#
_entry.id   7C60
#
_cell.length_a   103.726
_cell.length_b   103.726
_cell.length_c   56.795
_cell.angle_alpha   90.000
_cell.angle_beta   90.000
_cell.angle_gamma   120.000
#
_symmetry.space_group_name_H-M   'P 61'
#
loop_
_entity.id
_entity.type
_entity.pdbx_description
1 polymer 'Kelch-like ECH-associated protein 1'
2 non-polymer '(~{Z})-4-ethoxy-4-oxidanylidene-but-2-enoic acid'
3 non-polymer 'ACETATE ION'
4 non-polymer 'SULFATE ION'
5 water water
#
_entity_poly.entity_id   1
_entity_poly.type   'polypeptide(L)'
_entity_poly.pdbx_seq_one_letter_code
;HHHHHHSSGLVPRGSHMVGRLIYTAGGYFRQSLSYLEAYNPSNGSWLRLADLQVPRSGLAGCVVGGLLYAVGGRNNSPDG
NTDSSALDCYNPMTNQWSPCASMSVPRNRIGVGVIDGHIYAVGGSHGCIHHSSVERYEPERDEWHLVAPMLTRRIGVGVA
VLNRLLYAVGGFDGTNRLNSAECYYPERNEWRMITPMNTIRSGAGVCVLHNCIYAAGGYDGQDQLNSVERYDVETETWTF
VAPMRHHRSALGITVHQGKIYVLGGYDGHTFLDSVECYDPDSDTWSEVTRMTSGRSGVGVAVTMEPCRKQ
;
_entity_poly.pdbx_strand_id   A
#
loop_
_chem_comp.id
_chem_comp.type
_chem_comp.name
_chem_comp.formula
ACT non-polymer 'ACETATE ION' 'C2 H3 O2 -1'
NF3 non-polymer '(~{Z})-4-ethoxy-4-oxidanylidene-but-2-enoic acid' 'C6 H8 O4'
SO4 non-polymer 'SULFATE ION' 'O4 S -2'
#
# COMPACT_ATOMS: atom_id res chain seq x y z
N VAL A 11 7.11 19.99 -10.64
CA VAL A 11 7.11 18.52 -10.43
C VAL A 11 7.44 18.21 -8.96
N PRO A 12 8.47 18.88 -8.41
CA PRO A 12 8.88 18.68 -7.01
C PRO A 12 8.06 19.58 -6.09
N ARG A 13 7.84 20.83 -6.51
CA ARG A 13 7.05 21.80 -5.70
C ARG A 13 5.56 21.46 -5.78
N GLY A 14 4.86 21.68 -4.69
CA GLY A 14 3.43 21.42 -4.53
C GLY A 14 2.83 22.62 -3.80
N SER A 15 1.66 23.08 -4.23
CA SER A 15 0.88 24.09 -3.47
C SER A 15 1.71 25.34 -3.09
N HIS A 16 1.63 25.82 -1.84
CA HIS A 16 2.32 27.03 -1.32
C HIS A 16 3.67 27.34 -1.99
N MET A 17 4.67 26.53 -1.69
CA MET A 17 6.06 26.55 -2.21
C MET A 17 6.72 25.37 -1.53
N VAL A 18 6.15 24.16 -1.59
CA VAL A 18 6.83 23.12 -0.78
C VAL A 18 7.10 21.82 -1.53
N GLY A 19 8.00 21.01 -0.96
CA GLY A 19 8.33 19.71 -1.55
C GLY A 19 7.35 18.62 -1.14
N ARG A 20 7.49 17.44 -1.68
CA ARG A 20 6.58 16.37 -1.26
C ARG A 20 7.35 15.41 -0.36
N LEU A 21 6.64 14.82 0.57
CA LEU A 21 7.23 13.89 1.55
C LEU A 21 6.61 12.50 1.36
N ILE A 22 7.29 11.50 1.89
CA ILE A 22 6.78 10.11 1.92
C ILE A 22 6.22 9.91 3.31
N TYR A 23 4.92 9.80 3.40
CA TYR A 23 4.23 9.60 4.67
C TYR A 23 4.04 8.11 4.90
N THR A 24 4.39 7.65 6.11
CA THR A 24 4.08 6.30 6.56
C THR A 24 3.16 6.43 7.76
N ALA A 25 2.04 5.73 7.72
CA ALA A 25 1.00 5.83 8.74
C ALA A 25 0.78 4.44 9.33
N GLY A 26 0.78 4.35 10.65
CA GLY A 26 0.40 3.11 11.28
C GLY A 26 1.53 2.09 11.26
N GLY A 27 1.15 0.83 11.20
CA GLY A 27 2.10 -0.26 11.13
C GLY A 27 1.98 -1.17 12.34
N TYR A 28 2.97 -2.05 12.48
CA TYR A 28 2.90 -3.05 13.54
C TYR A 28 4.27 -3.34 14.12
N PHE A 29 4.37 -3.27 15.45
CA PHE A 29 5.54 -3.76 16.17
C PHE A 29 5.08 -4.03 17.59
N ARG A 30 5.02 -5.31 17.95
CA ARG A 30 4.47 -5.80 19.21
C ARG A 30 2.96 -5.61 19.23
N GLN A 31 2.50 -4.42 18.85
CA GLN A 31 1.09 -4.09 18.72
C GLN A 31 0.90 -3.16 17.54
N SER A 32 -0.37 -2.90 17.19
CA SER A 32 -0.67 -1.97 16.11
C SER A 32 -0.31 -0.56 16.53
N LEU A 33 0.23 0.21 15.59
CA LEU A 33 0.84 1.50 15.89
C LEU A 33 -0.03 2.65 15.40
N SER A 34 0.17 3.81 16.02
N SER A 34 0.17 3.82 16.00
CA SER A 34 -0.55 5.02 15.63
CA SER A 34 -0.55 5.01 15.59
C SER A 34 0.35 6.06 14.98
C SER A 34 0.34 6.05 14.93
N TYR A 35 1.63 5.75 14.74
CA TYR A 35 2.55 6.76 14.24
C TYR A 35 2.12 7.27 12.87
N LEU A 36 2.28 8.58 12.67
CA LEU A 36 2.35 9.17 11.33
C LEU A 36 3.67 9.89 11.22
N GLU A 37 4.49 9.48 10.26
CA GLU A 37 5.78 10.14 10.06
C GLU A 37 6.00 10.33 8.58
N ALA A 38 6.82 11.33 8.25
CA ALA A 38 6.98 11.81 6.88
C ALA A 38 8.47 12.02 6.61
N TYR A 39 8.97 11.35 5.58
CA TYR A 39 10.37 11.39 5.23
C TYR A 39 10.59 12.32 4.04
N ASN A 40 11.68 13.07 4.07
CA ASN A 40 11.98 14.01 2.99
C ASN A 40 13.20 13.55 2.20
N PRO A 41 13.03 13.06 0.97
CA PRO A 41 14.19 12.59 0.22
C PRO A 41 15.15 13.70 -0.18
N SER A 42 14.71 14.96 -0.18
CA SER A 42 15.61 16.06 -0.56
C SER A 42 16.67 16.32 0.51
N ASN A 43 16.38 16.07 1.80
CA ASN A 43 17.36 16.38 2.84
C ASN A 43 17.54 15.29 3.89
N GLY A 44 16.87 14.15 3.75
CA GLY A 44 17.02 13.04 4.67
C GLY A 44 16.23 13.14 5.97
N SER A 45 15.40 14.18 6.14
CA SER A 45 14.79 14.41 7.44
C SER A 45 13.53 13.57 7.63
N TRP A 46 13.24 13.28 8.89
CA TRP A 46 12.00 12.64 9.32
C TRP A 46 11.27 13.58 10.28
N LEU A 47 9.94 13.68 10.12
CA LEU A 47 9.10 14.42 11.05
C LEU A 47 8.03 13.50 11.62
N ARG A 48 7.80 13.59 12.93
CA ARG A 48 6.63 12.97 13.53
C ARG A 48 5.47 13.94 13.47
N LEU A 49 4.34 13.48 12.96
CA LEU A 49 3.13 14.28 12.83
C LEU A 49 2.04 13.71 13.75
N ALA A 50 0.80 14.15 13.53
CA ALA A 50 -0.29 13.79 14.43
C ALA A 50 -0.58 12.28 14.35
N ASP A 51 -0.60 11.63 15.51
CA ASP A 51 -0.95 10.21 15.58
C ASP A 51 -2.30 9.96 14.92
N LEU A 52 -2.47 8.75 14.39
CA LEU A 52 -3.81 8.29 14.03
C LEU A 52 -4.69 8.26 15.28
N GLN A 53 -5.99 8.45 15.09
CA GLN A 53 -6.90 8.39 16.25
C GLN A 53 -6.94 6.97 16.82
N VAL A 54 -6.89 5.97 15.94
CA VAL A 54 -6.98 4.57 16.33
C VAL A 54 -5.79 3.84 15.76
N PRO A 55 -5.03 3.08 16.57
CA PRO A 55 -3.93 2.28 16.03
C PRO A 55 -4.42 1.36 14.92
N ARG A 56 -3.53 1.07 13.97
CA ARG A 56 -3.89 0.13 12.92
C ARG A 56 -2.65 -0.36 12.20
N SER A 57 -2.58 -1.65 11.96
CA SER A 57 -1.68 -2.25 10.99
C SER A 57 -2.51 -2.77 9.81
N GLY A 58 -1.83 -3.20 8.75
CA GLY A 58 -2.55 -3.80 7.64
C GLY A 58 -3.42 -2.85 6.87
N LEU A 59 -3.30 -1.55 7.11
CA LEU A 59 -4.04 -0.53 6.38
C LEU A 59 -3.31 -0.20 5.08
N ALA A 60 -4.01 0.50 4.18
CA ALA A 60 -3.38 1.09 3.01
C ALA A 60 -3.44 2.61 3.10
N GLY A 61 -2.54 3.28 2.38
CA GLY A 61 -2.56 4.72 2.26
C GLY A 61 -2.74 5.18 0.83
N CYS A 62 -3.26 6.38 0.64
CA CYS A 62 -3.38 7.01 -0.67
C CYS A 62 -3.59 8.50 -0.44
N VAL A 63 -3.49 9.27 -1.53
CA VAL A 63 -3.65 10.73 -1.50
C VAL A 63 -4.63 11.14 -2.59
N VAL A 64 -5.57 12.02 -2.23
CA VAL A 64 -6.51 12.61 -3.20
C VAL A 64 -6.73 14.07 -2.84
N GLY A 65 -6.55 14.94 -3.82
CA GLY A 65 -6.65 16.37 -3.58
C GLY A 65 -5.62 16.90 -2.61
N GLY A 66 -4.50 16.20 -2.45
CA GLY A 66 -3.51 16.55 -1.47
C GLY A 66 -3.74 15.98 -0.09
N LEU A 67 -4.92 15.44 0.19
CA LEU A 67 -5.19 14.87 1.50
C LEU A 67 -4.68 13.44 1.56
N LEU A 68 -4.15 13.06 2.71
CA LEU A 68 -3.72 11.69 2.93
C LEU A 68 -4.85 10.89 3.56
N TYR A 69 -5.17 9.74 2.97
CA TYR A 69 -6.23 8.87 3.48
C TYR A 69 -5.63 7.58 4.03
N ALA A 70 -6.10 7.19 5.22
CA ALA A 70 -5.79 5.92 5.84
C ALA A 70 -7.03 5.04 5.77
N VAL A 71 -6.88 3.81 5.27
CA VAL A 71 -8.00 2.97 4.88
C VAL A 71 -7.86 1.59 5.50
N GLY A 72 -8.91 1.10 6.15
CA GLY A 72 -8.88 -0.31 6.52
C GLY A 72 -7.85 -0.60 7.60
N GLY A 73 -7.50 -1.88 7.70
CA GLY A 73 -6.50 -2.35 8.64
C GLY A 73 -7.10 -3.12 9.81
N ARG A 74 -6.33 -3.16 10.89
CA ARG A 74 -6.77 -3.87 12.09
C ARG A 74 -5.96 -3.37 13.25
N ASN A 75 -6.64 -3.10 14.37
CA ASN A 75 -5.97 -2.72 15.60
C ASN A 75 -5.68 -4.00 16.37
N ASN A 76 -4.43 -4.45 16.35
CA ASN A 76 -3.93 -5.53 17.21
C ASN A 76 -3.42 -4.89 18.48
N SER A 77 -4.22 -4.92 19.55
CA SER A 77 -3.86 -4.41 20.86
C SER A 77 -3.91 -5.55 21.88
N PRO A 78 -3.10 -5.47 22.93
CA PRO A 78 -3.21 -6.48 23.99
C PRO A 78 -4.59 -6.56 24.63
N ASP A 79 -5.39 -5.51 24.47
CA ASP A 79 -6.74 -5.43 25.09
C ASP A 79 -7.85 -5.76 24.07
N GLY A 80 -7.50 -6.38 22.95
CA GLY A 80 -8.48 -6.76 21.94
C GLY A 80 -7.95 -6.50 20.55
N ASN A 81 -8.48 -7.25 19.58
CA ASN A 81 -8.08 -7.15 18.18
C ASN A 81 -9.31 -6.81 17.33
N THR A 82 -9.25 -5.70 16.59
CA THR A 82 -10.43 -5.17 15.92
C THR A 82 -10.10 -4.79 14.48
N ASP A 83 -10.70 -5.50 13.53
CA ASP A 83 -10.57 -5.15 12.12
C ASP A 83 -11.28 -3.82 11.84
N SER A 84 -10.75 -3.08 10.87
CA SER A 84 -11.18 -1.71 10.64
C SER A 84 -11.90 -1.58 9.31
N SER A 85 -13.06 -0.92 9.32
CA SER A 85 -13.73 -0.42 8.12
C SER A 85 -13.50 1.08 7.96
N ALA A 86 -12.53 1.65 8.68
CA ALA A 86 -12.42 3.08 8.87
C ALA A 86 -11.68 3.74 7.72
N LEU A 87 -12.19 4.89 7.31
CA LEU A 87 -11.50 5.79 6.39
C LEU A 87 -11.22 7.09 7.15
N ASP A 88 -9.95 7.48 7.22
CA ASP A 88 -9.61 8.70 7.92
C ASP A 88 -8.66 9.50 7.05
N CYS A 89 -8.78 10.82 7.17
CA CYS A 89 -8.13 11.75 6.26
C CYS A 89 -7.24 12.69 7.04
N TYR A 90 -6.01 12.89 6.56
CA TYR A 90 -5.04 13.77 7.20
C TYR A 90 -4.77 14.97 6.30
N ASN A 91 -4.86 16.18 6.88
CA ASN A 91 -4.65 17.42 6.14
C ASN A 91 -3.29 17.98 6.51
N PRO A 92 -2.30 17.95 5.60
CA PRO A 92 -0.98 18.50 5.94
C PRO A 92 -1.01 19.97 6.31
N MET A 93 -2.05 20.70 5.95
CA MET A 93 -2.08 22.12 6.29
C MET A 93 -2.52 22.36 7.73
N THR A 94 -3.34 21.46 8.30
CA THR A 94 -3.77 21.60 9.69
C THR A 94 -3.09 20.63 10.64
N ASN A 95 -2.43 19.59 10.11
CA ASN A 95 -1.89 18.49 10.92
C ASN A 95 -2.99 17.83 11.77
N GLN A 96 -4.15 17.60 11.17
CA GLN A 96 -5.25 16.97 11.88
C GLN A 96 -5.88 15.85 11.06
N TRP A 97 -6.19 14.75 11.75
CA TRP A 97 -6.95 13.62 11.22
C TRP A 97 -8.44 13.89 11.41
N SER A 98 -9.24 13.51 10.41
CA SER A 98 -10.68 13.72 10.39
C SER A 98 -11.32 12.41 9.95
N PRO A 99 -12.32 11.93 10.67
CA PRO A 99 -13.04 10.74 10.18
C PRO A 99 -13.78 11.03 8.89
N CYS A 100 -13.77 10.07 8.00
CA CYS A 100 -14.67 10.03 6.87
C CYS A 100 -15.65 8.88 7.06
N ALA A 101 -16.56 8.72 6.10
CA ALA A 101 -17.50 7.62 6.14
C ALA A 101 -16.74 6.29 6.12
N SER A 102 -17.30 5.28 6.77
CA SER A 102 -16.65 3.98 6.83
C SER A 102 -17.09 3.09 5.69
N MET A 103 -16.25 2.10 5.38
CA MET A 103 -16.58 1.14 4.35
C MET A 103 -17.71 0.23 4.82
N SER A 104 -18.28 -0.50 3.85
CA SER A 104 -19.34 -1.46 4.14
C SER A 104 -18.88 -2.56 5.10
N VAL A 105 -17.57 -2.79 5.20
CA VAL A 105 -17.08 -3.99 5.87
C VAL A 105 -15.67 -3.69 6.40
N PRO A 106 -15.23 -4.30 7.50
CA PRO A 106 -13.83 -4.15 7.88
C PRO A 106 -12.93 -4.88 6.91
N ARG A 107 -11.76 -4.31 6.68
CA ARG A 107 -10.81 -4.83 5.69
C ARG A 107 -9.40 -4.69 6.27
N ASN A 108 -8.88 -5.79 6.81
CA ASN A 108 -7.50 -5.88 7.24
C ASN A 108 -6.66 -6.46 6.11
N ARG A 109 -5.40 -6.03 6.03
CA ARG A 109 -4.52 -6.37 4.92
C ARG A 109 -5.19 -6.01 3.59
N ILE A 110 -5.60 -4.76 3.52
CA ILE A 110 -6.33 -4.23 2.39
C ILE A 110 -5.36 -3.77 1.32
N GLY A 111 -5.88 -3.63 0.10
CA GLY A 111 -5.18 -2.94 -0.96
C GLY A 111 -6.06 -1.84 -1.52
N VAL A 112 -5.43 -0.73 -1.91
CA VAL A 112 -6.13 0.49 -2.28
C VAL A 112 -5.50 1.06 -3.55
N GLY A 113 -6.34 1.63 -4.41
CA GLY A 113 -5.88 2.35 -5.59
C GLY A 113 -6.79 3.54 -5.84
N VAL A 114 -6.25 4.53 -6.55
CA VAL A 114 -6.98 5.74 -6.85
C VAL A 114 -7.10 5.88 -8.36
N ILE A 115 -8.34 6.03 -8.85
CA ILE A 115 -8.62 6.36 -10.24
C ILE A 115 -9.57 7.55 -10.25
N ASP A 116 -9.24 8.56 -11.06
CA ASP A 116 -10.20 9.64 -11.34
C ASP A 116 -10.61 10.36 -10.06
N GLY A 117 -9.70 10.47 -9.10
CA GLY A 117 -10.04 11.05 -7.81
C GLY A 117 -10.87 10.18 -6.89
N HIS A 118 -11.00 8.89 -7.19
CA HIS A 118 -11.86 7.99 -6.43
C HIS A 118 -11.03 6.89 -5.81
N ILE A 119 -11.29 6.61 -4.54
CA ILE A 119 -10.55 5.61 -3.77
C ILE A 119 -11.22 4.25 -3.94
N TYR A 120 -10.44 3.25 -4.38
CA TYR A 120 -10.92 1.88 -4.46
C TYR A 120 -10.31 1.04 -3.36
N ALA A 121 -11.16 0.40 -2.57
CA ALA A 121 -10.74 -0.50 -1.50
C ALA A 121 -10.98 -1.94 -1.93
N VAL A 122 -9.94 -2.77 -1.84
CA VAL A 122 -9.93 -4.08 -2.47
C VAL A 122 -9.64 -5.14 -1.42
N GLY A 123 -10.51 -6.15 -1.34
CA GLY A 123 -10.15 -7.37 -0.63
C GLY A 123 -9.97 -7.11 0.85
N GLY A 124 -9.00 -7.80 1.44
CA GLY A 124 -8.75 -7.73 2.86
C GLY A 124 -9.59 -8.73 3.63
N SER A 125 -9.31 -8.84 4.93
CA SER A 125 -9.96 -9.84 5.78
C SER A 125 -10.73 -9.23 6.93
N HIS A 126 -11.73 -9.98 7.40
CA HIS A 126 -12.53 -9.63 8.57
C HIS A 126 -12.71 -10.93 9.35
N GLY A 127 -11.88 -11.10 10.38
CA GLY A 127 -11.89 -12.39 11.07
C GLY A 127 -11.46 -13.46 10.08
N CYS A 128 -12.20 -14.56 10.04
CA CYS A 128 -11.85 -15.63 9.10
C CYS A 128 -12.45 -15.43 7.71
N ILE A 129 -13.11 -14.31 7.45
CA ILE A 129 -13.65 -13.98 6.14
C ILE A 129 -12.58 -13.29 5.30
N HIS A 130 -12.36 -13.81 4.09
CA HIS A 130 -11.46 -13.22 3.10
C HIS A 130 -12.31 -12.64 1.98
N HIS A 131 -12.18 -11.33 1.73
CA HIS A 131 -13.09 -10.66 0.81
C HIS A 131 -12.64 -10.78 -0.64
N SER A 132 -13.59 -11.01 -1.53
CA SER A 132 -13.42 -10.63 -2.93
C SER A 132 -14.07 -9.28 -3.23
N SER A 133 -14.79 -8.71 -2.26
CA SER A 133 -15.56 -7.50 -2.50
C SER A 133 -14.64 -6.30 -2.73
N VAL A 134 -15.19 -5.29 -3.41
CA VAL A 134 -14.48 -4.07 -3.78
C VAL A 134 -15.46 -2.92 -3.62
N GLU A 135 -14.99 -1.79 -3.09
CA GLU A 135 -15.87 -0.63 -3.03
C GLU A 135 -15.08 0.62 -3.31
N ARG A 136 -15.82 1.64 -3.76
CA ARG A 136 -15.28 2.88 -4.30
C ARG A 136 -15.79 4.04 -3.48
N TYR A 137 -14.89 4.96 -3.14
CA TYR A 137 -15.20 6.12 -2.32
C TYR A 137 -15.11 7.39 -3.14
N GLU A 138 -16.09 8.29 -2.99
CA GLU A 138 -16.13 9.58 -3.66
C GLU A 138 -15.95 10.70 -2.64
N PRO A 139 -14.76 11.30 -2.53
CA PRO A 139 -14.53 12.31 -1.49
C PRO A 139 -15.50 13.49 -1.54
N GLU A 140 -15.94 13.92 -2.72
CA GLU A 140 -16.87 15.05 -2.74
C GLU A 140 -18.20 14.70 -2.09
N ARG A 141 -18.54 13.42 -2.06
N ARG A 141 -18.55 13.42 -2.06
CA ARG A 141 -19.84 13.06 -1.47
CA ARG A 141 -19.85 13.06 -1.46
C ARG A 141 -19.67 12.31 -0.15
C ARG A 141 -19.67 12.33 -0.14
N ASP A 142 -18.45 11.94 0.22
CA ASP A 142 -18.19 11.16 1.43
C ASP A 142 -19.08 9.92 1.47
N GLU A 143 -18.96 9.11 0.41
CA GLU A 143 -19.83 7.96 0.21
C GLU A 143 -19.04 6.80 -0.37
N TRP A 144 -19.25 5.62 0.19
CA TRP A 144 -18.73 4.36 -0.36
C TRP A 144 -19.84 3.64 -1.10
N HIS A 145 -19.50 3.07 -2.25
CA HIS A 145 -20.42 2.17 -2.93
C HIS A 145 -19.66 0.93 -3.39
N LEU A 146 -20.23 -0.25 -3.15
CA LEU A 146 -19.65 -1.47 -3.69
C LEU A 146 -19.67 -1.44 -5.21
N VAL A 147 -18.62 -2.00 -5.83
CA VAL A 147 -18.56 -2.24 -7.26
C VAL A 147 -18.44 -3.74 -7.47
N ALA A 148 -18.15 -4.16 -8.70
CA ALA A 148 -18.11 -5.60 -8.96
C ALA A 148 -16.99 -6.24 -8.13
N PRO A 149 -17.23 -7.40 -7.53
CA PRO A 149 -16.16 -8.06 -6.77
C PRO A 149 -15.11 -8.63 -7.70
N MET A 150 -13.96 -8.92 -7.10
CA MET A 150 -12.87 -9.58 -7.78
C MET A 150 -13.28 -11.00 -8.13
N LEU A 151 -12.52 -11.61 -9.05
CA LEU A 151 -12.67 -13.03 -9.33
C LEU A 151 -12.09 -13.90 -8.22
N THR A 152 -11.34 -13.31 -7.29
CA THR A 152 -10.59 -14.06 -6.29
C THR A 152 -10.74 -13.38 -4.95
N ARG A 153 -10.94 -14.16 -3.90
CA ARG A 153 -10.79 -13.61 -2.57
C ARG A 153 -9.30 -13.34 -2.33
N ARG A 154 -8.98 -12.13 -1.88
CA ARG A 154 -7.58 -11.71 -1.76
C ARG A 154 -7.40 -10.85 -0.52
N ILE A 155 -6.59 -11.32 0.43
CA ILE A 155 -6.06 -10.47 1.48
C ILE A 155 -4.55 -10.43 1.35
N GLY A 156 -3.96 -9.37 1.90
CA GLY A 156 -2.54 -9.13 1.64
C GLY A 156 -2.28 -8.88 0.17
N VAL A 157 -3.22 -8.22 -0.50
CA VAL A 157 -3.20 -7.98 -1.93
C VAL A 157 -2.54 -6.63 -2.22
N GLY A 158 -1.71 -6.58 -3.26
CA GLY A 158 -1.12 -5.33 -3.70
C GLY A 158 -1.93 -4.74 -4.85
N VAL A 159 -2.01 -3.42 -4.87
CA VAL A 159 -2.92 -2.76 -5.80
C VAL A 159 -2.18 -1.59 -6.44
N ALA A 160 -2.34 -1.42 -7.75
CA ALA A 160 -1.76 -0.26 -8.42
C ALA A 160 -2.68 0.15 -9.57
N VAL A 161 -2.51 1.39 -10.03
CA VAL A 161 -3.33 1.96 -11.10
C VAL A 161 -2.43 2.38 -12.25
N LEU A 162 -2.79 1.96 -13.46
CA LEU A 162 -2.03 2.27 -14.66
C LEU A 162 -3.01 2.56 -15.78
N ASN A 163 -2.95 3.77 -16.31
CA ASN A 163 -3.75 4.13 -17.47
C ASN A 163 -5.24 4.00 -17.14
N ARG A 164 -5.60 4.51 -15.97
CA ARG A 164 -6.96 4.48 -15.43
C ARG A 164 -7.55 3.07 -15.44
N LEU A 165 -6.70 2.08 -15.17
CA LEU A 165 -7.15 0.72 -14.85
C LEU A 165 -6.51 0.31 -13.54
N LEU A 166 -7.23 -0.50 -12.76
CA LEU A 166 -6.84 -0.89 -11.40
C LEU A 166 -6.44 -2.35 -11.42
N TYR A 167 -5.29 -2.68 -10.81
CA TYR A 167 -4.78 -4.04 -10.79
C TYR A 167 -4.70 -4.56 -9.35
N ALA A 168 -5.07 -5.82 -9.15
CA ALA A 168 -5.00 -6.49 -7.86
C ALA A 168 -4.05 -7.67 -8.02
N VAL A 169 -2.99 -7.70 -7.21
CA VAL A 169 -1.84 -8.57 -7.49
C VAL A 169 -1.49 -9.41 -6.28
N GLY A 170 -1.44 -10.74 -6.46
CA GLY A 170 -0.98 -11.61 -5.39
C GLY A 170 -1.99 -11.69 -4.27
N GLY A 171 -1.49 -11.96 -3.06
CA GLY A 171 -2.31 -12.07 -1.87
C GLY A 171 -2.49 -13.49 -1.40
N PHE A 172 -3.58 -13.68 -0.65
CA PHE A 172 -3.91 -14.92 0.04
C PHE A 172 -5.43 -15.04 0.09
N ASP A 173 -5.96 -16.19 -0.33
CA ASP A 173 -7.41 -16.38 -0.40
C ASP A 173 -7.98 -17.10 0.81
N GLY A 174 -7.14 -17.46 1.77
CA GLY A 174 -7.54 -18.25 2.90
C GLY A 174 -6.96 -19.65 2.92
N THR A 175 -6.50 -20.14 1.76
CA THR A 175 -6.01 -21.51 1.67
C THR A 175 -4.66 -21.55 0.97
N ASN A 176 -4.44 -20.65 0.02
CA ASN A 176 -3.17 -20.60 -0.70
C ASN A 176 -2.73 -19.17 -0.94
N ARG A 177 -1.44 -18.91 -0.80
N ARG A 177 -1.43 -18.92 -0.81
CA ARG A 177 -0.88 -17.67 -1.30
CA ARG A 177 -0.87 -17.67 -1.30
C ARG A 177 -0.91 -17.68 -2.83
C ARG A 177 -0.88 -17.69 -2.83
N LEU A 178 -1.06 -16.51 -3.43
CA LEU A 178 -1.40 -16.38 -4.83
C LEU A 178 -0.27 -15.77 -5.66
N ASN A 179 -0.07 -16.31 -6.86
CA ASN A 179 0.67 -15.61 -7.91
C ASN A 179 -0.26 -14.96 -8.94
N SER A 180 -1.57 -15.19 -8.82
CA SER A 180 -2.52 -14.68 -9.79
C SER A 180 -2.65 -13.17 -9.65
N ALA A 181 -3.09 -12.52 -10.73
CA ALA A 181 -3.39 -11.09 -10.70
C ALA A 181 -4.56 -10.81 -11.64
N GLU A 182 -5.23 -9.66 -11.41
CA GLU A 182 -6.41 -9.36 -12.21
C GLU A 182 -6.57 -7.85 -12.32
N CYS A 183 -7.41 -7.44 -13.25
CA CYS A 183 -7.48 -6.05 -13.68
C CYS A 183 -8.94 -5.63 -13.76
N TYR A 184 -9.24 -4.43 -13.26
CA TYR A 184 -10.59 -3.90 -13.23
C TYR A 184 -10.74 -2.84 -14.31
N TYR A 185 -11.78 -2.97 -15.11
CA TYR A 185 -12.05 -2.04 -16.21
C TYR A 185 -13.25 -1.21 -15.84
N PRO A 186 -13.06 0.05 -15.44
CA PRO A 186 -14.14 0.75 -14.75
C PRO A 186 -15.38 0.94 -15.61
N GLU A 187 -15.21 1.28 -16.89
CA GLU A 187 -16.36 1.53 -17.75
C GLU A 187 -17.21 0.27 -18.00
N ARG A 188 -16.64 -0.91 -17.86
CA ARG A 188 -17.44 -2.13 -17.95
C ARG A 188 -17.78 -2.71 -16.59
N ASN A 189 -17.26 -2.12 -15.52
CA ASN A 189 -17.39 -2.67 -14.17
C ASN A 189 -17.11 -4.17 -14.18
N GLU A 190 -15.93 -4.52 -14.66
CA GLU A 190 -15.60 -5.90 -14.93
C GLU A 190 -14.15 -6.16 -14.57
N TRP A 191 -13.89 -7.31 -13.93
CA TRP A 191 -12.55 -7.78 -13.61
C TRP A 191 -12.17 -8.88 -14.58
N ARG A 192 -10.90 -8.87 -15.01
CA ARG A 192 -10.34 -9.92 -15.85
C ARG A 192 -9.00 -10.33 -15.31
N MET A 193 -8.74 -11.65 -15.26
CA MET A 193 -7.42 -12.12 -14.89
C MET A 193 -6.40 -11.65 -15.90
N ILE A 194 -5.18 -11.42 -15.44
CA ILE A 194 -4.05 -11.16 -16.33
C ILE A 194 -3.02 -12.24 -16.11
N THR A 195 -1.92 -12.16 -16.86
CA THR A 195 -0.80 -13.07 -16.67
C THR A 195 -0.42 -13.15 -15.19
N PRO A 196 -0.30 -14.33 -14.63
CA PRO A 196 0.15 -14.45 -13.24
C PRO A 196 1.62 -14.07 -13.14
N MET A 197 2.01 -13.67 -11.94
CA MET A 197 3.44 -13.45 -11.68
C MET A 197 4.20 -14.77 -11.73
N ASN A 198 5.52 -14.68 -11.78
CA ASN A 198 6.35 -15.86 -11.73
C ASN A 198 6.63 -16.29 -10.30
N THR A 199 6.18 -15.52 -9.32
CA THR A 199 6.34 -15.85 -7.91
C THR A 199 5.01 -15.68 -7.20
N ILE A 200 4.72 -16.64 -6.33
CA ILE A 200 3.63 -16.50 -5.37
C ILE A 200 4.00 -15.43 -4.34
N ARG A 201 3.12 -14.44 -4.16
CA ARG A 201 3.43 -13.36 -3.23
C ARG A 201 2.18 -12.90 -2.50
N SER A 202 2.23 -12.89 -1.17
N SER A 202 2.21 -12.91 -1.17
CA SER A 202 1.22 -12.24 -0.34
CA SER A 202 1.23 -12.21 -0.36
C SER A 202 1.88 -11.17 0.52
C SER A 202 1.93 -11.13 0.45
N GLY A 203 1.25 -10.01 0.62
CA GLY A 203 1.85 -8.92 1.34
C GLY A 203 3.03 -8.32 0.61
N ALA A 204 3.00 -8.34 -0.72
CA ALA A 204 4.01 -7.67 -1.51
C ALA A 204 3.80 -6.16 -1.49
N GLY A 205 4.83 -5.41 -1.83
CA GLY A 205 4.66 -4.00 -2.14
C GLY A 205 4.36 -3.81 -3.61
N VAL A 206 3.22 -3.22 -3.97
CA VAL A 206 2.84 -3.14 -5.37
C VAL A 206 2.63 -1.68 -5.75
N CYS A 207 3.32 -1.23 -6.81
CA CYS A 207 3.18 0.14 -7.30
C CYS A 207 3.37 0.17 -8.82
N VAL A 208 3.24 1.36 -9.39
N VAL A 208 3.20 1.36 -9.40
CA VAL A 208 3.38 1.55 -10.83
CA VAL A 208 3.38 1.57 -10.83
C VAL A 208 4.50 2.54 -11.10
C VAL A 208 4.56 2.50 -11.05
N LEU A 209 5.31 2.24 -12.11
CA LEU A 209 6.39 3.13 -12.53
C LEU A 209 6.51 3.06 -14.04
N HIS A 210 6.44 4.24 -14.68
CA HIS A 210 6.36 4.32 -16.13
C HIS A 210 5.22 3.42 -16.59
N ASN A 211 5.49 2.40 -17.42
CA ASN A 211 4.41 1.58 -17.95
C ASN A 211 4.33 0.20 -17.32
N CYS A 212 4.87 0.01 -16.12
CA CYS A 212 4.88 -1.32 -15.50
C CYS A 212 4.34 -1.27 -14.07
N ILE A 213 3.72 -2.38 -13.66
CA ILE A 213 3.30 -2.61 -12.28
C ILE A 213 4.37 -3.45 -11.60
N TYR A 214 4.95 -2.93 -10.54
CA TYR A 214 5.98 -3.66 -9.81
C TYR A 214 5.34 -4.42 -8.65
N ALA A 215 5.91 -5.58 -8.34
CA ALA A 215 5.56 -6.36 -7.15
C ALA A 215 6.86 -6.74 -6.47
N ALA A 216 7.14 -6.11 -5.33
CA ALA A 216 8.40 -6.27 -4.63
C ALA A 216 8.15 -7.05 -3.35
N GLY A 217 8.98 -8.06 -3.12
CA GLY A 217 8.88 -8.73 -1.82
C GLY A 217 7.60 -9.52 -1.65
N GLY A 218 7.25 -9.72 -0.38
CA GLY A 218 6.10 -10.51 -0.03
C GLY A 218 6.49 -11.82 0.61
N TYR A 219 5.50 -12.70 0.73
CA TYR A 219 5.63 -13.98 1.41
C TYR A 219 5.07 -15.05 0.49
N ASP A 220 5.86 -16.08 0.20
CA ASP A 220 5.43 -17.11 -0.74
C ASP A 220 4.89 -18.34 -0.05
N GLY A 221 4.59 -18.26 1.24
CA GLY A 221 4.14 -19.40 2.01
C GLY A 221 5.20 -20.07 2.84
N GLN A 222 6.48 -19.76 2.63
CA GLN A 222 7.47 -20.29 3.54
C GLN A 222 8.65 -19.35 3.78
N ASP A 223 9.03 -18.51 2.81
CA ASP A 223 10.04 -17.48 3.05
C ASP A 223 9.52 -16.10 2.66
N GLN A 224 10.00 -15.08 3.37
CA GLN A 224 9.89 -13.71 2.89
C GLN A 224 10.86 -13.53 1.72
N LEU A 225 10.47 -12.69 0.76
CA LEU A 225 11.14 -12.58 -0.53
C LEU A 225 11.88 -11.25 -0.66
N ASN A 226 13.02 -11.29 -1.34
CA ASN A 226 13.70 -10.08 -1.77
C ASN A 226 13.55 -9.84 -3.26
N SER A 227 13.00 -10.81 -3.99
CA SER A 227 12.84 -10.69 -5.43
C SER A 227 11.79 -9.65 -5.81
N VAL A 228 11.94 -9.10 -7.01
CA VAL A 228 11.08 -8.05 -7.52
C VAL A 228 10.78 -8.33 -8.98
N GLU A 229 9.51 -8.21 -9.37
CA GLU A 229 9.17 -8.38 -10.78
C GLU A 229 8.23 -7.27 -11.21
N ARG A 230 8.14 -7.06 -12.52
CA ARG A 230 7.27 -6.02 -13.03
C ARG A 230 6.55 -6.50 -14.27
N TYR A 231 5.32 -6.04 -14.43
CA TYR A 231 4.41 -6.47 -15.48
C TYR A 231 4.33 -5.34 -16.50
N ASP A 232 4.84 -5.58 -17.72
CA ASP A 232 4.69 -4.63 -18.81
C ASP A 232 3.30 -4.84 -19.42
N VAL A 233 2.42 -3.85 -19.29
CA VAL A 233 1.06 -4.05 -19.79
C VAL A 233 1.04 -4.22 -21.31
N GLU A 234 1.99 -3.62 -22.02
CA GLU A 234 2.01 -3.74 -23.48
C GLU A 234 2.36 -5.16 -23.92
N THR A 235 3.31 -5.82 -23.24
CA THR A 235 3.68 -7.19 -23.57
C THR A 235 2.95 -8.23 -22.74
N GLU A 236 2.32 -7.81 -21.65
CA GLU A 236 1.58 -8.73 -20.79
C GLU A 236 2.49 -9.85 -20.28
N THR A 237 3.74 -9.50 -19.98
CA THR A 237 4.66 -10.44 -19.34
C THR A 237 5.28 -9.80 -18.11
N TRP A 238 5.62 -10.67 -17.15
CA TRP A 238 6.36 -10.32 -15.93
C TRP A 238 7.83 -10.60 -16.13
N THR A 239 8.69 -9.66 -15.69
CA THR A 239 10.13 -9.83 -15.77
C THR A 239 10.72 -9.46 -14.41
N PHE A 240 11.65 -10.28 -13.93
CA PHE A 240 12.36 -9.93 -12.69
C PHE A 240 13.29 -8.76 -12.95
N VAL A 241 13.33 -7.82 -11.99
CA VAL A 241 14.38 -6.80 -11.98
C VAL A 241 15.33 -7.11 -10.83
N ALA A 242 16.18 -6.15 -10.46
CA ALA A 242 17.16 -6.40 -9.42
C ALA A 242 16.46 -6.64 -8.08
N PRO A 243 16.91 -7.61 -7.29
CA PRO A 243 16.26 -7.85 -6.00
C PRO A 243 16.63 -6.78 -4.99
N MET A 244 15.76 -6.62 -3.99
CA MET A 244 16.07 -5.73 -2.87
C MET A 244 17.18 -6.32 -2.02
N ARG A 245 17.75 -5.47 -1.17
CA ARG A 245 18.82 -5.92 -0.29
C ARG A 245 18.31 -6.69 0.93
N HIS A 246 17.04 -6.53 1.29
CA HIS A 246 16.43 -7.27 2.38
C HIS A 246 15.22 -8.04 1.85
N HIS A 247 15.10 -9.30 2.26
CA HIS A 247 13.82 -9.97 2.17
C HIS A 247 12.81 -9.20 3.02
N ARG A 248 11.63 -9.07 2.48
CA ARG A 248 10.60 -8.34 3.22
C ARG A 248 9.21 -8.78 2.79
N SER A 249 8.37 -8.70 3.79
N SER A 249 8.37 -8.70 3.79
CA SER A 249 6.91 -8.95 3.65
CA SER A 249 6.91 -8.95 3.65
C SER A 249 6.18 -7.90 4.49
C SER A 249 6.18 -7.90 4.49
N ALA A 250 5.01 -7.51 4.02
CA ALA A 250 4.19 -6.47 4.70
C ALA A 250 4.96 -5.16 4.67
N LEU A 251 5.55 -4.87 3.54
CA LEU A 251 6.32 -3.63 3.34
C LEU A 251 5.42 -2.50 2.87
N GLY A 252 5.83 -1.30 3.20
CA GLY A 252 5.20 -0.10 2.61
C GLY A 252 5.87 0.18 1.27
N ILE A 253 5.16 0.70 0.29
CA ILE A 253 5.84 1.06 -0.98
C ILE A 253 5.21 2.33 -1.57
N THR A 254 6.00 3.11 -2.25
CA THR A 254 5.45 4.24 -2.98
C THR A 254 6.47 4.68 -4.02
N VAL A 255 6.02 5.55 -4.92
CA VAL A 255 6.88 6.17 -5.93
C VAL A 255 7.05 7.64 -5.58
N HIS A 256 8.28 8.16 -5.79
CA HIS A 256 8.61 9.54 -5.47
C HIS A 256 9.67 9.97 -6.48
N GLN A 257 9.33 10.90 -7.38
CA GLN A 257 10.29 11.47 -8.32
C GLN A 257 10.95 10.38 -9.16
N GLY A 258 10.17 9.44 -9.66
CA GLY A 258 10.67 8.46 -10.61
C GLY A 258 11.33 7.24 -10.02
N LYS A 259 11.45 7.15 -8.70
CA LYS A 259 12.10 6.03 -8.04
C LYS A 259 11.13 5.37 -7.07
N ILE A 260 11.34 4.08 -6.81
CA ILE A 260 10.47 3.30 -5.92
C ILE A 260 11.09 3.25 -4.54
N TYR A 261 10.29 3.59 -3.54
CA TYR A 261 10.70 3.50 -2.14
C TYR A 261 9.94 2.37 -1.47
N VAL A 262 10.67 1.50 -0.78
CA VAL A 262 10.10 0.41 0.04
C VAL A 262 10.51 0.67 1.49
N LEU A 263 9.56 0.51 2.41
CA LEU A 263 9.72 0.94 3.80
C LEU A 263 9.36 -0.20 4.73
N GLY A 264 10.32 -0.62 5.56
CA GLY A 264 10.08 -1.57 6.62
C GLY A 264 9.64 -2.95 6.14
N GLY A 265 8.81 -3.60 6.96
CA GLY A 265 8.39 -4.95 6.68
C GLY A 265 9.02 -5.90 7.68
N TYR A 266 8.76 -7.19 7.44
CA TYR A 266 9.26 -8.26 8.29
C TYR A 266 10.05 -9.24 7.43
N ASP A 267 11.28 -9.53 7.84
CA ASP A 267 12.16 -10.39 7.06
C ASP A 267 12.24 -11.82 7.59
N GLY A 268 11.37 -12.20 8.52
CA GLY A 268 11.44 -13.50 9.16
C GLY A 268 12.26 -13.54 10.44
N HIS A 269 12.83 -12.41 10.86
CA HIS A 269 13.68 -12.39 12.03
C HIS A 269 13.48 -11.06 12.75
N THR A 270 13.34 -9.99 11.98
CA THR A 270 13.35 -8.63 12.50
C THR A 270 12.25 -7.81 11.82
N PHE A 271 11.64 -6.90 12.58
CA PHE A 271 10.80 -5.88 11.99
C PHE A 271 11.71 -4.76 11.49
N LEU A 272 11.77 -4.59 10.18
CA LEU A 272 12.81 -3.77 9.56
C LEU A 272 12.54 -2.28 9.71
N ASP A 273 13.59 -1.52 10.01
CA ASP A 273 13.51 -0.08 9.80
C ASP A 273 14.11 0.34 8.46
N SER A 274 14.67 -0.60 7.72
CA SER A 274 15.35 -0.25 6.47
C SER A 274 14.35 0.32 5.46
N VAL A 275 14.77 1.39 4.79
CA VAL A 275 14.08 1.94 3.61
C VAL A 275 15.05 1.85 2.44
N GLU A 276 14.59 1.25 1.34
CA GLU A 276 15.38 1.09 0.13
C GLU A 276 14.74 1.86 -1.02
N CYS A 277 15.57 2.38 -1.91
CA CYS A 277 15.11 3.12 -3.08
C CYS A 277 15.64 2.49 -4.37
N TYR A 278 14.74 2.18 -5.30
CA TYR A 278 15.07 1.56 -6.57
C TYR A 278 15.24 2.61 -7.67
N ASP A 279 16.40 2.61 -8.31
CA ASP A 279 16.62 3.43 -9.48
C ASP A 279 16.37 2.59 -10.72
N PRO A 280 15.32 2.87 -11.50
CA PRO A 280 15.05 2.05 -12.68
C PRO A 280 16.07 2.20 -13.77
N ASP A 281 16.66 3.39 -13.90
CA ASP A 281 17.64 3.62 -14.94
C ASP A 281 18.87 2.74 -14.74
N SER A 282 19.30 2.55 -13.49
CA SER A 282 20.45 1.70 -13.20
C SER A 282 20.07 0.30 -12.72
N ASP A 283 18.78 0.02 -12.51
CA ASP A 283 18.34 -1.27 -11.96
C ASP A 283 19.17 -1.66 -10.74
N THR A 284 19.23 -0.74 -9.78
CA THR A 284 19.92 -0.94 -8.53
C THR A 284 19.07 -0.41 -7.38
N TRP A 285 19.20 -1.06 -6.22
CA TRP A 285 18.57 -0.63 -4.98
C TRP A 285 19.64 -0.10 -4.04
N SER A 286 19.32 0.99 -3.33
N SER A 286 19.34 1.00 -3.35
CA SER A 286 20.21 1.56 -2.32
CA SER A 286 20.21 1.49 -2.31
C SER A 286 19.42 1.86 -1.05
C SER A 286 19.40 1.74 -1.04
N GLU A 287 20.09 1.71 0.09
CA GLU A 287 19.51 2.17 1.35
C GLU A 287 19.58 3.68 1.39
N VAL A 288 18.45 4.33 1.67
CA VAL A 288 18.43 5.78 1.69
C VAL A 288 18.14 6.36 3.07
N THR A 289 17.60 5.58 3.99
CA THR A 289 17.36 6.02 5.35
C THR A 289 16.87 4.83 6.15
N ARG A 290 16.66 5.05 7.44
CA ARG A 290 15.92 4.09 8.25
C ARG A 290 14.77 4.81 8.91
N MET A 291 13.68 4.09 9.13
CA MET A 291 12.62 4.69 9.90
C MET A 291 13.07 4.84 11.35
N THR A 292 12.31 5.63 12.10
CA THR A 292 12.60 5.86 13.51
C THR A 292 12.55 4.57 14.31
N SER A 293 11.84 3.55 13.81
CA SER A 293 11.76 2.27 14.49
C SER A 293 11.24 1.23 13.52
N GLY A 294 11.67 -0.02 13.70
CA GLY A 294 11.22 -1.09 12.81
C GLY A 294 9.72 -1.36 12.94
N ARG A 295 9.09 -1.71 11.81
CA ARG A 295 7.64 -1.96 11.77
C ARG A 295 7.27 -2.58 10.42
N SER A 296 6.16 -3.33 10.41
CA SER A 296 5.57 -3.84 9.17
C SER A 296 4.16 -3.31 9.00
N GLY A 297 3.56 -3.60 7.84
CA GLY A 297 2.15 -3.31 7.67
C GLY A 297 1.78 -1.84 7.70
N VAL A 298 2.66 -0.96 7.22
CA VAL A 298 2.35 0.47 7.18
C VAL A 298 1.50 0.84 5.97
N GLY A 299 0.94 2.03 5.99
CA GLY A 299 0.35 2.66 4.82
C GLY A 299 1.23 3.81 4.38
N VAL A 300 1.50 3.90 3.08
CA VAL A 300 2.47 4.85 2.55
C VAL A 300 1.85 5.64 1.40
N ALA A 301 2.03 6.95 1.42
CA ALA A 301 1.68 7.79 0.29
C ALA A 301 2.53 9.05 0.32
N VAL A 302 2.44 9.83 -0.76
CA VAL A 302 3.26 11.03 -0.97
C VAL A 302 2.33 12.23 -1.16
N THR A 303 2.52 13.26 -0.36
CA THR A 303 1.80 14.53 -0.58
C THR A 303 2.68 15.68 -0.07
N MET A 304 2.10 16.88 -0.02
CA MET A 304 2.86 18.08 0.27
C MET A 304 3.44 18.06 1.68
N GLU A 305 4.38 18.97 1.92
CA GLU A 305 4.96 19.16 3.24
C GLU A 305 3.92 19.73 4.20
N PRO A 306 3.93 19.30 5.47
CA PRO A 306 2.93 19.79 6.42
C PRO A 306 3.29 21.20 6.89
N CYS A 307 2.43 21.76 7.73
CA CYS A 307 2.75 23.02 8.40
C CYS A 307 3.31 22.79 9.81
C NF3 B . -10.20 14.62 -9.55
O NF3 B . -8.25 14.50 -8.19
C1 NF3 B . -9.68 14.84 -8.19
C2 NF3 B . -7.52 15.01 -7.19
C3 NF3 B . -6.19 14.38 -7.11
C4 NF3 B . -5.31 14.73 -6.18
C5 NF3 B . -3.93 14.18 -5.99
O1 NF3 B . -7.93 15.87 -6.45
O2 NF3 B . -3.53 13.29 -6.77
O3 NF3 B . -3.24 14.65 -5.05
C ACT C . -2.68 -9.41 11.31
O ACT C . -3.08 -8.51 12.08
OXT ACT C . -3.29 -9.76 10.27
CH3 ACT C . -1.37 -10.11 11.65
C NF3 D . 4.11 -18.53 9.22
O NF3 D . 2.86 -16.61 8.56
C1 NF3 D . 3.10 -17.54 9.66
C2 NF3 D . 3.75 -15.60 8.43
C3 NF3 D . 3.57 -14.91 7.16
C4 NF3 D . 4.29 -13.86 6.73
C5 NF3 D . 5.43 -13.06 7.28
O1 NF3 D . 4.56 -15.34 9.28
O2 NF3 D . 5.90 -13.35 8.42
O3 NF3 D . 5.87 -12.12 6.58
S SO4 E . -17.04 -11.02 0.76
O1 SO4 E . -16.13 -10.60 -0.31
O2 SO4 E . -17.91 -9.91 1.10
O3 SO4 E . -17.83 -12.15 0.28
O4 SO4 E . -16.28 -11.43 1.93
S SO4 F . -13.69 -5.71 -26.22
O1 SO4 F . -14.20 -4.38 -25.90
O2 SO4 F . -12.35 -5.63 -26.78
O3 SO4 F . -14.58 -6.37 -27.18
O4 SO4 F . -13.65 -6.50 -24.98
#